data_2ML7
#
_entry.id   2ML7
#
_entity_poly.entity_id   1
_entity_poly.type   'polypeptide(L)'
_entity_poly.pdbx_seq_one_letter_code
;CKSGGAWCGFDPHGCCGNCGCLVGFCYGTGC
;
_entity_poly.pdbx_strand_id   A
#
# COMPACT_ATOMS: atom_id res chain seq x y z
N CYS A 1 7.74 5.66 1.70
CA CYS A 1 6.61 5.07 0.98
C CYS A 1 6.82 3.57 0.78
N LYS A 2 5.76 2.80 0.95
CA LYS A 2 5.82 1.35 0.77
C LYS A 2 6.13 0.98 -0.67
N SER A 3 6.92 -0.07 -0.86
CA SER A 3 7.28 -0.53 -2.19
C SER A 3 6.34 -1.61 -2.68
N GLY A 4 5.15 -1.66 -2.10
CA GLY A 4 4.17 -2.66 -2.49
C GLY A 4 4.24 -3.91 -1.63
N GLY A 5 3.11 -4.59 -1.48
CA GLY A 5 3.08 -5.80 -0.68
C GLY A 5 3.68 -5.61 0.70
N ALA A 6 3.62 -4.38 1.20
CA ALA A 6 4.16 -4.06 2.52
C ALA A 6 3.05 -3.80 3.52
N TRP A 7 3.32 -4.12 4.79
CA TRP A 7 2.33 -3.91 5.84
C TRP A 7 2.23 -2.44 6.21
N CYS A 8 1.00 -1.96 6.36
CA CYS A 8 0.75 -0.56 6.71
C CYS A 8 -0.24 -0.47 7.86
N GLY A 9 -1.50 -0.82 7.59
CA GLY A 9 -2.52 -0.75 8.62
C GLY A 9 -2.94 0.67 8.94
N PHE A 10 -2.20 1.31 9.84
CA PHE A 10 -2.50 2.68 10.24
C PHE A 10 -2.64 3.58 9.02
N ASP A 11 -1.85 3.30 7.99
CA ASP A 11 -1.88 4.09 6.76
C ASP A 11 -2.44 3.26 5.61
N PRO A 12 -3.78 3.19 5.52
CA PRO A 12 -4.45 2.44 4.47
C PRO A 12 -4.31 3.09 3.10
N HIS A 13 -3.74 4.30 3.08
CA HIS A 13 -3.54 5.03 1.84
C HIS A 13 -2.10 5.53 1.73
N GLY A 14 -1.20 4.90 2.48
CA GLY A 14 0.19 5.30 2.45
C GLY A 14 1.04 4.38 1.59
N CYS A 15 1.09 4.67 0.29
CA CYS A 15 1.88 3.86 -0.64
C CYS A 15 2.51 4.73 -1.72
N CYS A 16 3.71 4.35 -2.15
CA CYS A 16 4.42 5.08 -3.18
C CYS A 16 3.58 5.21 -4.44
N GLY A 17 3.15 4.07 -4.98
CA GLY A 17 2.34 4.07 -6.18
C GLY A 17 0.86 4.17 -5.89
N ASN A 18 0.04 3.77 -6.85
CA ASN A 18 -1.41 3.81 -6.69
C ASN A 18 -1.93 2.52 -6.05
N CYS A 19 -1.32 2.12 -4.94
CA CYS A 19 -1.71 0.91 -4.24
C CYS A 19 -2.31 1.24 -2.87
N GLY A 20 -3.22 0.38 -2.41
CA GLY A 20 -3.84 0.60 -1.11
C GLY A 20 -3.79 -0.63 -0.23
N CYS A 21 -4.00 -0.43 1.06
CA CYS A 21 -3.97 -1.53 2.03
C CYS A 21 -5.35 -2.16 2.16
N LEU A 22 -5.86 -2.71 1.06
CA LEU A 22 -7.18 -3.35 1.06
C LEU A 22 -7.29 -4.35 2.21
N VAL A 23 -6.16 -4.93 2.60
CA VAL A 23 -6.15 -5.91 3.69
C VAL A 23 -4.87 -5.76 4.53
N GLY A 24 -4.25 -4.58 4.43
CA GLY A 24 -3.03 -4.35 5.20
C GLY A 24 -1.80 -4.31 4.31
N PHE A 25 -1.95 -4.77 3.07
CA PHE A 25 -0.83 -4.80 2.12
C PHE A 25 -1.10 -3.87 0.94
N CYS A 26 -0.10 -3.10 0.56
CA CYS A 26 -0.22 -2.17 -0.56
C CYS A 26 -0.47 -2.92 -1.87
N TYR A 27 -1.68 -2.81 -2.39
CA TYR A 27 -2.03 -3.48 -3.64
C TYR A 27 -2.66 -2.49 -4.62
N GLY A 28 -2.00 -2.31 -5.76
CA GLY A 28 -2.50 -1.40 -6.78
C GLY A 28 -2.04 -1.77 -8.17
N THR A 29 -1.56 -0.78 -8.92
CA THR A 29 -1.09 -1.01 -10.28
C THR A 29 0.01 -0.03 -10.65
N GLY A 30 0.78 0.41 -9.65
CA GLY A 30 1.85 1.34 -9.90
C GLY A 30 3.08 1.04 -9.06
N CYS A 31 2.90 0.97 -7.75
CA CYS A 31 4.01 0.68 -6.84
C CYS A 31 4.77 -0.56 -7.28
N CYS A 1 7.84 5.44 1.70
CA CYS A 1 6.68 4.91 0.98
C CYS A 1 6.85 3.42 0.72
N LYS A 2 5.76 2.67 0.88
CA LYS A 2 5.78 1.22 0.68
C LYS A 2 5.97 0.90 -0.81
N SER A 3 6.99 0.09 -1.10
CA SER A 3 7.27 -0.30 -2.47
C SER A 3 6.24 -1.28 -3.00
N GLY A 4 5.42 -1.81 -2.09
CA GLY A 4 4.39 -2.76 -2.48
C GLY A 4 4.39 -4.00 -1.59
N GLY A 5 3.22 -4.62 -1.46
CA GLY A 5 3.11 -5.81 -0.65
C GLY A 5 3.67 -5.62 0.75
N ALA A 6 3.68 -4.38 1.21
CA ALA A 6 4.20 -4.05 2.53
C ALA A 6 3.08 -3.81 3.52
N TRP A 7 3.33 -4.08 4.79
CA TRP A 7 2.34 -3.89 5.85
C TRP A 7 2.22 -2.42 6.22
N CYS A 8 0.98 -1.95 6.36
CA CYS A 8 0.74 -0.55 6.72
C CYS A 8 -0.26 -0.46 7.89
N GLY A 9 -1.51 -0.79 7.61
CA GLY A 9 -2.54 -0.74 8.63
C GLY A 9 -2.97 0.68 8.95
N PHE A 10 -2.22 1.33 9.85
CA PHE A 10 -2.53 2.70 10.24
C PHE A 10 -2.67 3.60 9.01
N ASP A 11 -1.87 3.34 8.00
CA ASP A 11 -1.91 4.12 6.77
C ASP A 11 -2.46 3.30 5.62
N PRO A 12 -3.80 3.21 5.53
CA PRO A 12 -4.49 2.46 4.48
C PRO A 12 -4.35 3.12 3.11
N HIS A 13 -3.80 4.33 3.09
CA HIS A 13 -3.61 5.07 1.85
C HIS A 13 -2.17 5.55 1.72
N GLY A 14 -1.28 4.94 2.48
CA GLY A 14 0.13 5.32 2.44
C GLY A 14 0.96 4.38 1.59
N CYS A 15 1.04 4.67 0.29
CA CYS A 15 1.81 3.84 -0.63
C CYS A 15 2.47 4.69 -1.70
N CYS A 16 3.68 4.31 -2.10
CA CYS A 16 4.42 5.04 -3.13
C CYS A 16 3.59 5.19 -4.40
N GLY A 17 3.15 4.06 -4.95
CA GLY A 17 2.35 4.08 -6.16
C GLY A 17 0.86 4.18 -5.87
N ASN A 18 0.04 3.78 -6.84
CA ASN A 18 -1.40 3.82 -6.69
C ASN A 18 -1.92 2.54 -6.05
N CYS A 19 -1.32 2.15 -4.94
CA CYS A 19 -1.73 0.93 -4.24
C CYS A 19 -2.33 1.27 -2.87
N GLY A 20 -3.20 0.39 -2.39
CA GLY A 20 -3.83 0.60 -1.10
C GLY A 20 -3.78 -0.62 -0.21
N CYS A 21 -4.00 -0.42 1.09
CA CYS A 21 -3.98 -1.51 2.04
C CYS A 21 -5.35 -2.15 2.18
N LEU A 22 -5.86 -2.70 1.07
CA LEU A 22 -7.17 -3.34 1.07
C LEU A 22 -7.29 -4.33 2.22
N VAL A 23 -6.17 -4.93 2.60
CA VAL A 23 -6.15 -5.89 3.70
C VAL A 23 -4.87 -5.77 4.52
N GLY A 24 -4.26 -4.59 4.47
CA GLY A 24 -3.03 -4.37 5.21
C GLY A 24 -1.81 -4.32 4.32
N PHE A 25 -1.96 -4.79 3.10
CA PHE A 25 -0.85 -4.81 2.14
C PHE A 25 -1.14 -3.88 0.96
N CYS A 26 -0.13 -3.11 0.58
CA CYS A 26 -0.27 -2.17 -0.54
C CYS A 26 -0.50 -2.92 -1.85
N TYR A 27 -1.70 -2.80 -2.40
CA TYR A 27 -2.05 -3.47 -3.64
C TYR A 27 -2.66 -2.48 -4.63
N GLY A 28 -2.00 -2.29 -5.77
CA GLY A 28 -2.50 -1.38 -6.78
C GLY A 28 -2.03 -1.75 -8.18
N THR A 29 -1.54 -0.76 -8.91
CA THR A 29 -1.06 -0.98 -10.27
C THR A 29 0.06 0.00 -10.63
N GLY A 30 0.81 0.42 -9.63
CA GLY A 30 1.89 1.36 -9.85
C GLY A 30 3.12 1.04 -9.01
N CYS A 31 2.93 0.96 -7.70
CA CYS A 31 4.02 0.68 -6.78
C CYS A 31 4.79 -0.57 -7.23
N CYS A 1 8.18 6.03 1.62
CA CYS A 1 7.02 5.21 1.28
C CYS A 1 7.42 3.75 1.09
N LYS A 2 6.44 2.86 1.20
CA LYS A 2 6.69 1.43 1.04
C LYS A 2 7.07 1.10 -0.40
N SER A 3 7.09 -0.19 -0.72
CA SER A 3 7.46 -0.64 -2.06
C SER A 3 6.41 -1.60 -2.61
N GLY A 4 5.21 -1.54 -2.04
CA GLY A 4 4.13 -2.41 -2.48
C GLY A 4 4.11 -3.74 -1.75
N GLY A 5 2.94 -4.34 -1.64
CA GLY A 5 2.80 -5.61 -0.95
C GLY A 5 3.42 -5.58 0.44
N ALA A 6 3.49 -4.39 1.03
CA ALA A 6 4.06 -4.23 2.35
C ALA A 6 2.97 -3.94 3.39
N TRP A 7 3.27 -4.23 4.65
CA TRP A 7 2.31 -4.00 5.73
C TRP A 7 2.25 -2.52 6.08
N CYS A 8 1.03 -2.00 6.23
CA CYS A 8 0.83 -0.61 6.57
C CYS A 8 -0.14 -0.46 7.74
N GLY A 9 -1.43 -0.67 7.45
CA GLY A 9 -2.44 -0.56 8.48
C GLY A 9 -2.86 0.87 8.74
N PHE A 10 -2.02 1.60 9.48
CA PHE A 10 -2.31 2.99 9.81
C PHE A 10 -2.52 3.82 8.53
N ASP A 11 -1.77 3.47 7.49
CA ASP A 11 -1.86 4.17 6.22
C ASP A 11 -2.45 3.27 5.14
N PRO A 12 -3.78 3.09 5.19
CA PRO A 12 -4.50 2.25 4.21
C PRO A 12 -4.53 2.87 2.82
N HIS A 13 -4.04 4.10 2.71
CA HIS A 13 -4.01 4.80 1.43
C HIS A 13 -2.67 5.54 1.25
N GLY A 14 -1.64 5.07 1.94
CA GLY A 14 -0.33 5.69 1.84
C GLY A 14 0.73 4.72 1.37
N CYS A 15 1.28 4.97 0.19
CA CYS A 15 2.32 4.12 -0.38
C CYS A 15 3.09 4.85 -1.47
N CYS A 16 4.08 4.18 -2.04
CA CYS A 16 4.90 4.76 -3.10
C CYS A 16 4.12 4.86 -4.40
N GLY A 17 3.09 4.03 -4.52
CA GLY A 17 2.27 4.03 -5.72
C GLY A 17 0.79 4.09 -5.42
N ASN A 18 -0.03 3.74 -6.40
CA ASN A 18 -1.48 3.75 -6.23
C ASN A 18 -1.98 2.42 -5.68
N CYS A 19 -1.33 1.94 -4.62
CA CYS A 19 -1.71 0.68 -4.00
C CYS A 19 -2.26 0.92 -2.59
N GLY A 20 -3.45 0.38 -2.34
CA GLY A 20 -4.06 0.53 -1.03
C GLY A 20 -3.98 -0.73 -0.19
N CYS A 21 -4.07 -0.56 1.13
CA CYS A 21 -4.00 -1.70 2.04
C CYS A 21 -5.37 -2.32 2.25
N LEU A 22 -5.93 -2.88 1.18
CA LEU A 22 -7.25 -3.51 1.25
C LEU A 22 -7.33 -4.49 2.41
N VAL A 23 -6.20 -5.08 2.75
CA VAL A 23 -6.13 -6.04 3.86
C VAL A 23 -4.81 -5.93 4.61
N GLY A 24 -4.18 -4.76 4.52
CA GLY A 24 -2.91 -4.56 5.20
C GLY A 24 -1.75 -4.46 4.23
N PHE A 25 -1.92 -5.04 3.05
CA PHE A 25 -0.88 -5.02 2.03
C PHE A 25 -1.23 -4.04 0.91
N CYS A 26 -0.29 -3.18 0.56
CA CYS A 26 -0.50 -2.20 -0.49
C CYS A 26 -0.68 -2.89 -1.85
N TYR A 27 -1.92 -2.89 -2.34
CA TYR A 27 -2.22 -3.51 -3.62
C TYR A 27 -2.84 -2.51 -4.59
N GLY A 28 -2.16 -2.28 -5.71
CA GLY A 28 -2.66 -1.33 -6.70
C GLY A 28 -2.17 -1.66 -8.10
N THR A 29 -1.69 -0.63 -8.81
CA THR A 29 -1.21 -0.81 -10.17
C THR A 29 -0.11 0.20 -10.49
N GLY A 30 0.65 0.59 -9.47
CA GLY A 30 1.73 1.55 -9.67
C GLY A 30 2.98 1.19 -8.88
N CYS A 31 2.83 1.09 -7.57
CA CYS A 31 3.95 0.75 -6.69
C CYS A 31 4.66 -0.50 -7.19
N CYS A 1 8.55 4.99 1.16
CA CYS A 1 7.22 4.60 0.73
C CYS A 1 7.16 3.10 0.46
N LYS A 2 5.96 2.54 0.58
CA LYS A 2 5.76 1.11 0.34
C LYS A 2 5.87 0.78 -1.13
N SER A 3 6.71 -0.21 -1.46
CA SER A 3 6.91 -0.62 -2.84
C SER A 3 6.00 -1.80 -3.19
N GLY A 4 4.87 -1.89 -2.49
CA GLY A 4 3.93 -2.97 -2.75
C GLY A 4 4.05 -4.10 -1.75
N GLY A 5 2.94 -4.76 -1.48
CA GLY A 5 2.95 -5.87 -0.54
C GLY A 5 3.62 -5.51 0.77
N ALA A 6 3.46 -4.26 1.19
CA ALA A 6 4.06 -3.78 2.44
C ALA A 6 2.99 -3.55 3.50
N TRP A 7 3.34 -3.85 4.74
CA TRP A 7 2.41 -3.68 5.86
C TRP A 7 2.22 -2.20 6.19
N CYS A 8 0.98 -1.78 6.33
CA CYS A 8 0.66 -0.39 6.65
C CYS A 8 -0.33 -0.31 7.81
N GLY A 9 -1.57 -0.71 7.55
CA GLY A 9 -2.59 -0.67 8.58
C GLY A 9 -3.09 0.74 8.85
N PHE A 10 -2.38 1.46 9.71
CA PHE A 10 -2.75 2.83 10.05
C PHE A 10 -2.94 3.67 8.80
N ASP A 11 -2.11 3.42 7.80
CA ASP A 11 -2.18 4.16 6.54
C ASP A 11 -2.68 3.26 5.41
N PRO A 12 -4.01 3.16 5.28
CA PRO A 12 -4.65 2.34 4.25
C PRO A 12 -4.45 2.92 2.85
N HIS A 13 -3.87 4.10 2.79
CA HIS A 13 -3.64 4.78 1.51
C HIS A 13 -2.24 5.39 1.47
N GLY A 14 -1.35 4.87 2.29
CA GLY A 14 0.01 5.38 2.33
C GLY A 14 1.00 4.49 1.60
N CYS A 15 1.12 4.70 0.30
CA CYS A 15 2.03 3.91 -0.52
C CYS A 15 2.72 4.78 -1.57
N CYS A 16 3.81 4.27 -2.13
CA CYS A 16 4.57 4.99 -3.14
C CYS A 16 3.69 5.29 -4.35
N GLY A 17 2.96 4.28 -4.82
CA GLY A 17 2.10 4.46 -5.96
C GLY A 17 0.63 4.40 -5.60
N ASN A 18 -0.19 3.86 -6.50
CA ASN A 18 -1.63 3.76 -6.27
C ASN A 18 -1.96 2.45 -5.57
N CYS A 19 -1.14 2.07 -4.60
CA CYS A 19 -1.35 0.83 -3.86
C CYS A 19 -2.22 1.08 -2.63
N GLY A 20 -3.10 0.12 -2.34
CA GLY A 20 -3.98 0.25 -1.20
C GLY A 20 -3.90 -0.93 -0.25
N CYS A 21 -4.11 -0.68 1.04
CA CYS A 21 -4.05 -1.73 2.04
C CYS A 21 -5.41 -2.40 2.22
N LEU A 22 -5.89 -3.05 1.16
CA LEU A 22 -7.18 -3.72 1.19
C LEU A 22 -7.29 -4.63 2.41
N VAL A 23 -6.14 -5.11 2.89
CA VAL A 23 -6.11 -5.99 4.06
C VAL A 23 -4.86 -5.74 4.89
N GLY A 24 -4.23 -4.57 4.69
CA GLY A 24 -3.04 -4.24 5.43
C GLY A 24 -1.80 -4.25 4.56
N PHE A 25 -1.93 -4.76 3.35
CA PHE A 25 -0.81 -4.84 2.42
C PHE A 25 -1.05 -3.96 1.20
N CYS A 26 -0.08 -3.11 0.88
CA CYS A 26 -0.19 -2.22 -0.26
C CYS A 26 -0.39 -3.00 -1.55
N TYR A 27 -1.41 -2.62 -2.31
CA TYR A 27 -1.73 -3.29 -3.57
C TYR A 27 -2.40 -2.32 -4.54
N GLY A 28 -1.72 -2.08 -5.67
CA GLY A 28 -2.26 -1.17 -6.67
C GLY A 28 -1.74 -1.48 -8.06
N THR A 29 -1.33 -0.43 -8.77
CA THR A 29 -0.81 -0.60 -10.12
C THR A 29 0.21 0.49 -10.46
N GLY A 30 0.95 0.93 -9.45
CA GLY A 30 1.95 1.97 -9.66
C GLY A 30 3.11 1.85 -8.69
N CYS A 31 3.24 0.69 -8.06
CA CYS A 31 4.31 0.45 -7.10
C CYS A 31 5.29 -0.59 -7.63
N CYS A 1 8.39 5.89 1.44
CA CYS A 1 7.22 5.07 1.13
C CYS A 1 7.60 3.61 1.01
N LYS A 2 6.60 2.73 1.09
CA LYS A 2 6.83 1.29 0.98
C LYS A 2 7.16 0.91 -0.45
N SER A 3 7.15 -0.39 -0.72
CA SER A 3 7.47 -0.91 -2.06
C SER A 3 6.36 -1.82 -2.55
N GLY A 4 5.19 -1.75 -1.92
CA GLY A 4 4.08 -2.58 -2.31
C GLY A 4 4.09 -3.93 -1.61
N GLY A 5 2.92 -4.56 -1.53
CA GLY A 5 2.82 -5.86 -0.88
C GLY A 5 3.43 -5.86 0.50
N ALA A 6 3.45 -4.70 1.15
CA ALA A 6 4.01 -4.57 2.48
C ALA A 6 2.94 -4.19 3.50
N TRP A 7 3.17 -4.52 4.76
CA TRP A 7 2.23 -4.21 5.83
C TRP A 7 2.26 -2.72 6.17
N CYS A 8 1.09 -2.11 6.23
CA CYS A 8 0.98 -0.69 6.56
C CYS A 8 -0.02 -0.45 7.67
N GLY A 9 -1.31 -0.54 7.33
CA GLY A 9 -2.35 -0.32 8.32
C GLY A 9 -2.67 1.14 8.53
N PHE A 10 -1.67 1.91 8.95
CA PHE A 10 -1.85 3.34 9.20
C PHE A 10 -2.21 4.06 7.91
N ASP A 11 -1.58 3.66 6.82
CA ASP A 11 -1.82 4.27 5.51
C ASP A 11 -2.43 3.26 4.55
N PRO A 12 -3.73 2.97 4.72
CA PRO A 12 -4.45 2.02 3.87
C PRO A 12 -4.66 2.55 2.46
N HIS A 13 -4.27 3.80 2.24
CA HIS A 13 -4.42 4.43 0.92
C HIS A 13 -3.24 5.36 0.64
N GLY A 14 -2.11 5.11 1.28
CA GLY A 14 -0.93 5.93 1.08
C GLY A 14 0.11 5.24 0.25
N CYS A 15 1.03 4.54 0.89
CA CYS A 15 2.10 3.84 0.19
C CYS A 15 2.80 4.75 -0.80
N CYS A 16 3.66 4.18 -1.63
CA CYS A 16 4.40 4.94 -2.63
C CYS A 16 3.54 5.20 -3.86
N GLY A 17 3.08 4.12 -4.50
CA GLY A 17 2.25 4.26 -5.68
C GLY A 17 0.77 4.32 -5.35
N ASN A 18 -0.07 3.95 -6.32
CA ASN A 18 -1.51 3.98 -6.13
C ASN A 18 -2.00 2.65 -5.56
N CYS A 19 -1.33 2.17 -4.53
CA CYS A 19 -1.70 0.90 -3.89
C CYS A 19 -2.22 1.13 -2.48
N GLY A 20 -3.28 0.41 -2.12
CA GLY A 20 -3.85 0.55 -0.79
C GLY A 20 -3.81 -0.74 0.00
N CYS A 21 -3.85 -0.61 1.32
CA CYS A 21 -3.81 -1.78 2.20
C CYS A 21 -5.21 -2.32 2.45
N LEU A 22 -5.84 -2.83 1.40
CA LEU A 22 -7.19 -3.38 1.50
C LEU A 22 -7.28 -4.36 2.66
N VAL A 23 -6.18 -5.04 2.95
CA VAL A 23 -6.14 -6.01 4.04
C VAL A 23 -4.78 -6.01 4.72
N GLY A 24 -4.10 -4.87 4.70
CA GLY A 24 -2.80 -4.76 5.31
C GLY A 24 -1.68 -4.60 4.30
N PHE A 25 -1.80 -5.33 3.18
CA PHE A 25 -0.79 -5.27 2.14
C PHE A 25 -1.20 -4.28 1.05
N CYS A 26 -0.27 -3.40 0.68
CA CYS A 26 -0.53 -2.41 -0.36
C CYS A 26 -0.79 -3.07 -1.71
N TYR A 27 -1.91 -2.74 -2.32
CA TYR A 27 -2.28 -3.31 -3.62
C TYR A 27 -2.84 -2.23 -4.55
N GLY A 28 -2.16 -2.01 -5.67
CA GLY A 28 -2.61 -1.01 -6.62
C GLY A 28 -2.14 -1.31 -8.03
N THR A 29 -1.64 -0.29 -8.72
CA THR A 29 -1.17 -0.45 -10.08
C THR A 29 -0.04 0.53 -10.39
N GLY A 30 0.74 0.86 -9.37
CA GLY A 30 1.85 1.78 -9.54
C GLY A 30 3.08 1.37 -8.75
N CYS A 31 2.91 1.20 -7.44
CA CYS A 31 4.01 0.82 -6.58
C CYS A 31 4.74 -0.40 -7.13
N CYS A 1 8.04 5.47 1.66
CA CYS A 1 6.82 4.97 1.05
C CYS A 1 6.94 3.47 0.75
N LYS A 2 5.81 2.77 0.80
CA LYS A 2 5.79 1.34 0.53
C LYS A 2 5.96 1.06 -0.96
N SER A 3 6.70 0.00 -1.27
CA SER A 3 6.95 -0.37 -2.66
C SER A 3 6.00 -1.49 -3.11
N GLY A 4 4.90 -1.63 -2.38
CA GLY A 4 3.92 -2.65 -2.71
C GLY A 4 4.02 -3.86 -1.80
N GLY A 5 2.90 -4.54 -1.59
CA GLY A 5 2.88 -5.70 -0.73
C GLY A 5 3.55 -5.45 0.61
N ALA A 6 3.50 -4.20 1.07
CA ALA A 6 4.11 -3.83 2.34
C ALA A 6 3.04 -3.56 3.40
N TRP A 7 3.20 -4.18 4.56
CA TRP A 7 2.25 -4.00 5.65
C TRP A 7 2.17 -2.54 6.07
N CYS A 8 0.94 -2.03 6.21
CA CYS A 8 0.73 -0.65 6.61
C CYS A 8 -0.24 -0.56 7.80
N GLY A 9 -1.51 -0.81 7.53
CA GLY A 9 -2.51 -0.77 8.59
C GLY A 9 -2.92 0.65 8.93
N PHE A 10 -2.12 1.30 9.78
CA PHE A 10 -2.40 2.67 10.20
C PHE A 10 -2.57 3.58 8.99
N ASP A 11 -1.82 3.30 7.93
CA ASP A 11 -1.89 4.10 6.70
C ASP A 11 -2.46 3.27 5.56
N PRO A 12 -3.80 3.24 5.46
CA PRO A 12 -4.50 2.49 4.41
C PRO A 12 -4.32 3.12 3.03
N HIS A 13 -3.72 4.30 3.00
CA HIS A 13 -3.49 5.01 1.75
C HIS A 13 -2.06 5.53 1.67
N GLY A 14 -1.17 4.93 2.46
CA GLY A 14 0.22 5.35 2.48
C GLY A 14 1.10 4.46 1.63
N CYS A 15 1.18 4.76 0.33
CA CYS A 15 2.00 3.97 -0.58
C CYS A 15 2.69 4.88 -1.60
N CYS A 16 3.81 4.40 -2.14
CA CYS A 16 4.57 5.17 -3.13
C CYS A 16 3.84 5.17 -4.48
N GLY A 17 2.98 4.18 -4.68
CA GLY A 17 2.24 4.10 -5.92
C GLY A 17 0.75 4.12 -5.71
N ASN A 18 -0.01 3.63 -6.70
CA ASN A 18 -1.46 3.61 -6.62
C ASN A 18 -1.95 2.31 -5.98
N CYS A 19 -1.34 1.96 -4.84
CA CYS A 19 -1.71 0.74 -4.13
C CYS A 19 -2.41 1.07 -2.82
N GLY A 20 -3.30 0.19 -2.39
CA GLY A 20 -4.04 0.40 -1.16
C GLY A 20 -3.95 -0.78 -0.22
N CYS A 21 -4.15 -0.54 1.07
CA CYS A 21 -4.09 -1.59 2.08
C CYS A 21 -5.46 -2.24 2.26
N LEU A 22 -6.00 -2.78 1.17
CA LEU A 22 -7.30 -3.43 1.21
C LEU A 22 -7.39 -4.41 2.37
N VAL A 23 -6.27 -5.04 2.69
CA VAL A 23 -6.20 -6.01 3.79
C VAL A 23 -4.99 -5.75 4.68
N GLY A 24 -4.33 -4.62 4.45
CA GLY A 24 -3.15 -4.28 5.24
C GLY A 24 -1.89 -4.23 4.40
N PHE A 25 -1.99 -4.64 3.15
CA PHE A 25 -0.85 -4.64 2.24
C PHE A 25 -1.11 -3.74 1.04
N CYS A 26 -0.11 -2.94 0.67
CA CYS A 26 -0.22 -2.04 -0.45
C CYS A 26 -0.42 -2.81 -1.75
N TYR A 27 -1.66 -2.84 -2.24
CA TYR A 27 -1.98 -3.55 -3.46
C TYR A 27 -2.53 -2.59 -4.51
N GLY A 28 -1.81 -2.43 -5.61
CA GLY A 28 -2.24 -1.54 -6.67
C GLY A 28 -1.66 -1.94 -8.02
N THR A 29 -1.27 -0.93 -8.80
CA THR A 29 -0.71 -1.17 -10.12
C THR A 29 0.28 -0.08 -10.51
N GLY A 30 1.03 0.42 -9.53
CA GLY A 30 2.00 1.46 -9.80
C GLY A 30 3.23 1.34 -8.91
N CYS A 31 3.02 0.96 -7.66
CA CYS A 31 4.13 0.80 -6.72
C CYS A 31 5.25 -0.04 -7.32
N CYS A 1 8.51 5.81 1.24
CA CYS A 1 7.31 5.03 0.97
C CYS A 1 7.66 3.55 0.84
N LYS A 2 6.65 2.69 1.04
CA LYS A 2 6.85 1.25 0.93
C LYS A 2 7.19 0.85 -0.50
N SER A 3 7.14 -0.45 -0.76
CA SER A 3 7.43 -0.98 -2.09
C SER A 3 6.32 -1.91 -2.57
N GLY A 4 5.15 -1.80 -1.95
CA GLY A 4 4.03 -2.64 -2.32
C GLY A 4 4.05 -3.98 -1.60
N GLY A 5 2.88 -4.60 -1.50
CA GLY A 5 2.78 -5.89 -0.83
C GLY A 5 3.41 -5.88 0.55
N ALA A 6 3.44 -4.70 1.17
CA ALA A 6 4.00 -4.56 2.51
C ALA A 6 2.94 -4.17 3.52
N TRP A 7 3.19 -4.48 4.79
CA TRP A 7 2.25 -4.16 5.85
C TRP A 7 2.27 -2.66 6.17
N CYS A 8 1.09 -2.06 6.24
CA CYS A 8 0.98 -0.64 6.54
C CYS A 8 -0.01 -0.40 7.67
N GLY A 9 -1.30 -0.49 7.37
CA GLY A 9 -2.31 -0.29 8.38
C GLY A 9 -2.67 1.17 8.56
N PHE A 10 -1.71 1.97 9.01
CA PHE A 10 -1.93 3.39 9.22
C PHE A 10 -2.28 4.09 7.91
N ASP A 11 -1.61 3.69 6.84
CA ASP A 11 -1.85 4.27 5.53
C ASP A 11 -2.45 3.24 4.57
N PRO A 12 -3.75 2.95 4.74
CA PRO A 12 -4.47 1.99 3.91
C PRO A 12 -4.66 2.48 2.48
N HIS A 13 -4.26 3.73 2.23
CA HIS A 13 -4.39 4.32 0.91
C HIS A 13 -3.22 5.26 0.61
N GLY A 14 -2.11 5.03 1.31
CA GLY A 14 -0.93 5.86 1.10
C GLY A 14 0.11 5.19 0.23
N CYS A 15 1.05 4.50 0.87
CA CYS A 15 2.11 3.81 0.15
C CYS A 15 2.79 4.74 -0.85
N CYS A 16 3.65 4.18 -1.70
CA CYS A 16 4.36 4.96 -2.70
C CYS A 16 3.46 5.27 -3.89
N GLY A 17 3.01 4.22 -4.57
CA GLY A 17 2.14 4.41 -5.72
C GLY A 17 0.67 4.42 -5.34
N ASN A 18 -0.18 4.03 -6.28
CA ASN A 18 -1.62 4.02 -6.05
C ASN A 18 -2.05 2.67 -5.47
N CYS A 19 -1.31 2.19 -4.48
CA CYS A 19 -1.62 0.91 -3.85
C CYS A 19 -2.19 1.13 -2.45
N GLY A 20 -3.26 0.40 -2.14
CA GLY A 20 -3.88 0.52 -0.84
C GLY A 20 -3.84 -0.77 -0.05
N CYS A 21 -3.88 -0.65 1.28
CA CYS A 21 -3.84 -1.83 2.16
C CYS A 21 -5.24 -2.36 2.40
N LEU A 22 -5.86 -2.90 1.35
CA LEU A 22 -7.20 -3.46 1.46
C LEU A 22 -7.31 -4.43 2.63
N VAL A 23 -6.17 -5.05 2.97
CA VAL A 23 -6.13 -6.01 4.07
C VAL A 23 -4.78 -5.99 4.76
N GLY A 24 -4.11 -4.84 4.72
CA GLY A 24 -2.81 -4.71 5.34
C GLY A 24 -1.69 -4.58 4.32
N PHE A 25 -1.82 -5.30 3.21
CA PHE A 25 -0.81 -5.26 2.16
C PHE A 25 -1.20 -4.29 1.06
N CYS A 26 -0.28 -3.40 0.70
CA CYS A 26 -0.53 -2.41 -0.34
C CYS A 26 -0.79 -3.10 -1.68
N TYR A 27 -1.87 -2.70 -2.35
CA TYR A 27 -2.22 -3.26 -3.65
C TYR A 27 -2.80 -2.21 -4.57
N GLY A 28 -2.12 -1.97 -5.69
CA GLY A 28 -2.58 -0.97 -6.64
C GLY A 28 -2.11 -1.26 -8.05
N THR A 29 -1.58 -0.24 -8.72
CA THR A 29 -1.09 -0.38 -10.08
C THR A 29 0.05 0.59 -10.35
N GLY A 30 0.80 0.93 -9.31
CA GLY A 30 1.92 1.84 -9.46
C GLY A 30 3.15 1.41 -8.68
N CYS A 31 2.98 1.24 -7.37
CA CYS A 31 4.07 0.83 -6.51
C CYS A 31 4.77 -0.42 -7.07
N CYS A 1 8.37 5.72 1.44
CA CYS A 1 7.19 4.95 1.09
C CYS A 1 7.54 3.49 0.79
N LYS A 2 6.55 2.62 0.89
CA LYS A 2 6.75 1.19 0.64
C LYS A 2 6.91 0.93 -0.86
N SER A 3 6.87 -0.35 -1.23
CA SER A 3 7.03 -0.74 -2.62
C SER A 3 5.92 -1.71 -3.04
N GLY A 4 4.84 -1.73 -2.26
CA GLY A 4 3.73 -2.61 -2.56
C GLY A 4 3.80 -3.92 -1.79
N GLY A 5 2.65 -4.56 -1.60
CA GLY A 5 2.61 -5.82 -0.89
C GLY A 5 3.31 -5.74 0.46
N ALA A 6 3.34 -4.54 1.04
CA ALA A 6 3.98 -4.33 2.33
C ALA A 6 2.96 -3.97 3.40
N TRP A 7 3.24 -4.36 4.63
CA TRP A 7 2.35 -4.06 5.75
C TRP A 7 2.34 -2.58 6.08
N CYS A 8 1.16 -2.01 6.21
CA CYS A 8 1.02 -0.59 6.52
C CYS A 8 0.07 -0.39 7.71
N GLY A 9 -1.23 -0.51 7.45
CA GLY A 9 -2.22 -0.35 8.50
C GLY A 9 -2.62 1.11 8.68
N PHE A 10 -1.69 1.91 9.21
CA PHE A 10 -1.95 3.33 9.44
C PHE A 10 -2.31 4.04 8.13
N ASP A 11 -1.62 3.67 7.06
CA ASP A 11 -1.86 4.26 5.75
C ASP A 11 -2.45 3.25 4.79
N PRO A 12 -3.75 2.97 4.94
CA PRO A 12 -4.47 2.01 4.10
C PRO A 12 -4.65 2.51 2.68
N HIS A 13 -4.26 3.76 2.44
CA HIS A 13 -4.38 4.37 1.12
C HIS A 13 -3.21 5.30 0.85
N GLY A 14 -2.09 5.06 1.53
CA GLY A 14 -0.91 5.89 1.34
C GLY A 14 0.11 5.25 0.42
N CYS A 15 1.05 4.53 1.01
CA CYS A 15 2.10 3.86 0.25
C CYS A 15 2.75 4.82 -0.74
N CYS A 16 3.58 4.28 -1.63
CA CYS A 16 4.26 5.09 -2.63
C CYS A 16 3.36 5.34 -3.84
N GLY A 17 2.94 4.26 -4.50
CA GLY A 17 2.09 4.39 -5.66
C GLY A 17 0.61 4.38 -5.29
N ASN A 18 -0.23 3.98 -6.25
CA ASN A 18 -1.67 3.93 -6.02
C ASN A 18 -2.08 2.58 -5.47
N CYS A 19 -1.31 2.07 -4.52
CA CYS A 19 -1.60 0.78 -3.91
C CYS A 19 -2.13 0.95 -2.49
N GLY A 20 -3.33 0.45 -2.24
CA GLY A 20 -3.94 0.55 -0.93
C GLY A 20 -3.87 -0.73 -0.15
N CYS A 21 -3.91 -0.63 1.18
CA CYS A 21 -3.86 -1.81 2.05
C CYS A 21 -5.25 -2.36 2.29
N LEU A 22 -5.83 -2.98 1.26
CA LEU A 22 -7.16 -3.56 1.36
C LEU A 22 -7.29 -4.42 2.62
N VAL A 23 -6.18 -5.05 3.01
CA VAL A 23 -6.17 -5.89 4.19
C VAL A 23 -4.81 -5.85 4.88
N GLY A 24 -4.13 -4.70 4.77
CA GLY A 24 -2.83 -4.55 5.39
C GLY A 24 -1.71 -4.50 4.38
N PHE A 25 -1.89 -5.19 3.25
CA PHE A 25 -0.88 -5.21 2.20
C PHE A 25 -1.26 -4.27 1.07
N CYS A 26 -0.36 -3.35 0.74
CA CYS A 26 -0.59 -2.37 -0.32
C CYS A 26 -0.78 -3.08 -1.66
N TYR A 27 -1.83 -2.70 -2.38
CA TYR A 27 -2.13 -3.30 -3.68
C TYR A 27 -2.67 -2.25 -4.65
N GLY A 28 -1.91 -2.02 -5.72
CA GLY A 28 -2.34 -1.04 -6.71
C GLY A 28 -1.77 -1.33 -8.09
N THR A 29 -1.22 -0.30 -8.74
CA THR A 29 -0.65 -0.46 -10.07
C THR A 29 0.46 0.55 -10.31
N GLY A 30 1.16 0.91 -9.23
CA GLY A 30 2.24 1.86 -9.35
C GLY A 30 3.33 1.64 -8.30
N CYS A 31 3.30 0.48 -7.67
CA CYS A 31 4.28 0.13 -6.64
C CYS A 31 5.12 -1.06 -7.07
N CYS A 1 8.01 5.75 1.35
CA CYS A 1 6.88 5.09 0.70
C CYS A 1 7.13 3.59 0.56
N LYS A 2 6.06 2.82 0.62
CA LYS A 2 6.15 1.36 0.50
C LYS A 2 6.53 0.96 -0.91
N SER A 3 6.91 -0.29 -1.09
CA SER A 3 7.30 -0.81 -2.39
C SER A 3 6.39 -1.94 -2.83
N GLY A 4 5.20 -2.01 -2.22
CA GLY A 4 4.25 -3.04 -2.57
C GLY A 4 4.31 -4.22 -1.62
N GLY A 5 3.17 -4.88 -1.41
CA GLY A 5 3.12 -6.02 -0.52
C GLY A 5 3.72 -5.72 0.83
N ALA A 6 3.70 -4.46 1.22
CA ALA A 6 4.25 -4.04 2.51
C ALA A 6 3.14 -3.72 3.50
N TRP A 7 3.25 -4.29 4.70
CA TRP A 7 2.25 -4.06 5.74
C TRP A 7 2.15 -2.58 6.07
N CYS A 8 0.92 -2.08 6.17
CA CYS A 8 0.67 -0.68 6.48
C CYS A 8 -0.27 -0.54 7.67
N GLY A 9 -1.57 -0.67 7.41
CA GLY A 9 -2.56 -0.55 8.47
C GLY A 9 -2.79 0.88 8.90
N PHE A 10 -1.74 1.52 9.42
CA PHE A 10 -1.83 2.90 9.87
C PHE A 10 -2.46 3.79 8.78
N ASP A 11 -2.17 3.46 7.53
CA ASP A 11 -2.70 4.22 6.40
C ASP A 11 -2.97 3.31 5.21
N PRO A 12 -4.26 3.20 4.83
CA PRO A 12 -4.67 2.36 3.70
C PRO A 12 -4.22 2.93 2.36
N HIS A 13 -3.68 4.14 2.39
CA HIS A 13 -3.20 4.79 1.17
C HIS A 13 -1.77 5.28 1.34
N GLY A 14 -1.06 4.69 2.30
CA GLY A 14 0.32 5.08 2.54
C GLY A 14 1.30 4.30 1.70
N CYS A 15 1.24 4.50 0.39
CA CYS A 15 2.13 3.81 -0.54
C CYS A 15 2.63 4.75 -1.63
N CYS A 16 3.77 4.41 -2.22
CA CYS A 16 4.35 5.23 -3.28
C CYS A 16 3.33 5.48 -4.39
N GLY A 17 2.89 4.40 -5.03
CA GLY A 17 1.91 4.53 -6.11
C GLY A 17 0.48 4.47 -5.60
N ASN A 18 -0.42 4.02 -6.46
CA ASN A 18 -1.83 3.93 -6.10
C ASN A 18 -2.13 2.57 -5.46
N CYS A 19 -1.29 2.16 -4.52
CA CYS A 19 -1.47 0.89 -3.83
C CYS A 19 -2.29 1.07 -2.57
N GLY A 20 -3.32 0.24 -2.41
CA GLY A 20 -4.17 0.32 -1.24
C GLY A 20 -4.04 -0.89 -0.34
N CYS A 21 -4.25 -0.69 0.96
CA CYS A 21 -4.15 -1.77 1.93
C CYS A 21 -5.50 -2.47 2.10
N LEU A 22 -5.96 -3.12 1.03
CA LEU A 22 -7.23 -3.83 1.06
C LEU A 22 -7.36 -4.67 2.34
N VAL A 23 -6.25 -5.22 2.79
CA VAL A 23 -6.23 -6.03 4.00
C VAL A 23 -5.06 -5.67 4.90
N GLY A 24 -4.35 -4.60 4.53
CA GLY A 24 -3.21 -4.16 5.32
C GLY A 24 -1.91 -4.21 4.54
N PHE A 25 -2.02 -4.54 3.25
CA PHE A 25 -0.85 -4.63 2.38
C PHE A 25 -1.04 -3.80 1.11
N CYS A 26 -0.05 -2.97 0.81
CA CYS A 26 -0.11 -2.12 -0.38
C CYS A 26 -0.44 -2.95 -1.63
N TYR A 27 -1.51 -2.55 -2.32
CA TYR A 27 -1.94 -3.26 -3.52
C TYR A 27 -2.62 -2.30 -4.49
N GLY A 28 -1.97 -2.04 -5.62
CA GLY A 28 -2.53 -1.14 -6.62
C GLY A 28 -2.02 -1.45 -8.02
N THR A 29 -1.51 -0.42 -8.69
CA THR A 29 -0.98 -0.58 -10.04
C THR A 29 0.14 0.42 -10.31
N GLY A 30 0.89 0.76 -9.27
CA GLY A 30 1.99 1.70 -9.42
C GLY A 30 3.21 1.28 -8.64
N CYS A 31 3.04 1.06 -7.33
CA CYS A 31 4.15 0.66 -6.47
C CYS A 31 4.65 -0.73 -6.85
N CYS A 1 8.28 6.06 1.35
CA CYS A 1 7.15 5.20 1.01
C CYS A 1 7.58 3.74 0.95
N LYS A 2 6.60 2.84 0.98
CA LYS A 2 6.87 1.41 0.94
C LYS A 2 7.21 0.97 -0.48
N SER A 3 7.24 -0.34 -0.70
CA SER A 3 7.58 -0.89 -2.00
C SER A 3 6.44 -1.76 -2.54
N GLY A 4 5.28 -1.67 -1.89
CA GLY A 4 4.12 -2.44 -2.30
C GLY A 4 4.03 -3.77 -1.57
N GLY A 5 2.81 -4.29 -1.47
CA GLY A 5 2.61 -5.55 -0.77
C GLY A 5 3.26 -5.58 0.59
N ALA A 6 3.06 -4.52 1.36
CA ALA A 6 3.64 -4.42 2.70
C ALA A 6 2.61 -3.91 3.70
N TRP A 7 2.73 -4.35 4.95
CA TRP A 7 1.81 -3.93 6.01
C TRP A 7 1.94 -2.44 6.27
N CYS A 8 0.80 -1.74 6.26
CA CYS A 8 0.78 -0.31 6.51
C CYS A 8 -0.01 0.02 7.77
N GLY A 9 -1.26 -0.46 7.81
CA GLY A 9 -2.10 -0.20 8.96
C GLY A 9 -2.54 1.25 9.05
N PHE A 10 -1.67 2.09 9.60
CA PHE A 10 -1.97 3.51 9.74
C PHE A 10 -2.23 4.16 8.39
N ASP A 11 -1.47 3.72 7.38
CA ASP A 11 -1.62 4.26 6.02
C ASP A 11 -2.17 3.19 5.08
N PRO A 12 -3.48 2.92 5.19
CA PRO A 12 -4.16 1.93 4.35
C PRO A 12 -4.28 2.39 2.90
N HIS A 13 -3.87 3.62 2.64
CA HIS A 13 -3.94 4.17 1.29
C HIS A 13 -2.72 5.05 1.00
N GLY A 14 -1.64 4.83 1.76
CA GLY A 14 -0.44 5.62 1.58
C GLY A 14 0.49 5.02 0.54
N CYS A 15 1.45 4.22 0.98
CA CYS A 15 2.40 3.60 0.08
C CYS A 15 3.03 4.62 -0.86
N CYS A 16 3.78 4.14 -1.84
CA CYS A 16 4.43 5.01 -2.81
C CYS A 16 3.53 5.28 -4.00
N GLY A 17 3.12 4.20 -4.67
CA GLY A 17 2.25 4.34 -5.83
C GLY A 17 0.78 4.32 -5.45
N ASN A 18 -0.07 3.96 -6.42
CA ASN A 18 -1.51 3.90 -6.19
C ASN A 18 -1.92 2.51 -5.67
N CYS A 19 -1.20 2.03 -4.66
CA CYS A 19 -1.49 0.72 -4.08
C CYS A 19 -2.25 0.87 -2.76
N GLY A 20 -3.41 0.24 -2.69
CA GLY A 20 -4.22 0.31 -1.48
C GLY A 20 -4.07 -0.93 -0.61
N CYS A 21 -4.21 -0.74 0.69
CA CYS A 21 -4.09 -1.84 1.64
C CYS A 21 -5.44 -2.53 1.86
N LEU A 22 -5.93 -3.21 0.83
CA LEU A 22 -7.21 -3.90 0.91
C LEU A 22 -7.28 -4.77 2.16
N VAL A 23 -6.13 -5.28 2.58
CA VAL A 23 -6.06 -6.13 3.77
C VAL A 23 -4.78 -5.86 4.56
N GLY A 24 -4.23 -4.66 4.39
CA GLY A 24 -3.02 -4.29 5.09
C GLY A 24 -1.82 -4.21 4.17
N PHE A 25 -1.83 -5.00 3.11
CA PHE A 25 -0.73 -5.01 2.15
C PHE A 25 -1.06 -4.15 0.94
N CYS A 26 -0.13 -3.27 0.57
CA CYS A 26 -0.32 -2.39 -0.58
C CYS A 26 -0.58 -3.19 -1.84
N TYR A 27 -1.67 -2.87 -2.53
CA TYR A 27 -2.03 -3.56 -3.76
C TYR A 27 -2.82 -2.64 -4.69
N GLY A 28 -2.19 -2.27 -5.81
CA GLY A 28 -2.85 -1.39 -6.77
C GLY A 28 -2.31 -1.57 -8.18
N THR A 29 -1.84 -0.47 -8.76
CA THR A 29 -1.29 -0.50 -10.11
C THR A 29 -0.23 0.57 -10.31
N GLY A 30 0.45 0.92 -9.22
CA GLY A 30 1.49 1.93 -9.28
C GLY A 30 2.79 1.47 -8.66
N CYS A 31 2.77 1.27 -7.35
CA CYS A 31 3.96 0.82 -6.62
C CYS A 31 4.57 -0.41 -7.29
#